data_1NFT
#
_entry.id   1NFT
#
_cell.length_a   125.290
_cell.length_b   125.290
_cell.length_c   87.530
_cell.angle_alpha   90.00
_cell.angle_beta   90.00
_cell.angle_gamma   120.00
#
_symmetry.space_group_name_H-M   'P 63 2 2'
#
loop_
_entity.id
_entity.type
_entity.pdbx_description
1 polymer 'PROTEIN (OVOTRANSFERRIN)'
2 non-polymer 'SULFATE ION'
3 non-polymer 'FE (III) ION'
4 non-polymer 'NITRILOTRIACETIC ACID'
5 water water
#
_entity_poly.entity_id   1
_entity_poly.type   'polypeptide(L)'
_entity_poly.pdbx_seq_one_letter_code
;KSVIRWCTVSSPEEKKCNNLRDLTQQERISLTCVQKATYLDCIKAIANNEADAISLDGGQVFEAGLAPYKLKPIAAEVYE
HTEGSTTSYYAVAVVKKGTEFTVNDLQGKTSCHTGLGRSAGWNIPIGTLIHRGAIEWEGIESGSVEQAVAKFFSASCVPG
ATIEQKLCRQCKGDPKTKCARNAPYSGYSGAFHCLKDGKGDVAFVKHTTVNENAPDQKDEYELLCLDGSRQPVDNYKTCN
WARVAAHAVVARDDNKVEDIWSFLSKAQSDFGVDTKSDFHLFGPPGKKDPVLKDLLFKDSAIMLKRVPSLMDSQLYLGFE
YYSAIQSMR
;
_entity_poly.pdbx_strand_id   A
#
# COMPACT_ATOMS: atom_id res chain seq x y z
N LYS A 1 -14.69 -29.10 2.99
CA LYS A 1 -15.17 -28.99 4.35
C LYS A 1 -15.98 -27.71 4.36
N SER A 2 -17.13 -27.51 5.03
CA SER A 2 -17.77 -26.20 5.15
C SER A 2 -17.21 -25.38 6.33
N VAL A 3 -15.90 -25.46 6.50
CA VAL A 3 -15.19 -24.76 7.53
C VAL A 3 -14.24 -23.81 6.78
N ILE A 4 -14.12 -22.55 7.13
CA ILE A 4 -13.18 -21.63 6.51
C ILE A 4 -12.13 -21.43 7.60
N ARG A 5 -10.85 -21.61 7.33
CA ARG A 5 -9.79 -21.41 8.30
C ARG A 5 -9.21 -20.04 7.99
N TRP A 6 -9.50 -19.03 8.80
CA TRP A 6 -8.92 -17.72 8.59
C TRP A 6 -7.52 -17.67 9.19
N CYS A 7 -6.50 -17.19 8.50
CA CYS A 7 -5.16 -17.06 9.07
C CYS A 7 -4.94 -15.66 9.70
N THR A 8 -4.50 -15.69 10.96
CA THR A 8 -4.32 -14.50 11.77
C THR A 8 -2.83 -14.38 12.10
N VAL A 9 -2.38 -13.17 12.41
CA VAL A 9 -0.96 -12.94 12.61
C VAL A 9 -0.67 -12.23 13.90
N SER A 10 -1.55 -12.07 14.86
CA SER A 10 -1.16 -11.47 16.14
C SER A 10 -2.19 -12.01 17.12
N SER A 11 -1.92 -11.99 18.41
CA SER A 11 -2.93 -12.56 19.29
C SER A 11 -4.18 -11.72 19.39
N PRO A 12 -4.25 -10.37 19.40
CA PRO A 12 -5.50 -9.64 19.31
C PRO A 12 -6.28 -9.95 18.03
N GLU A 13 -5.57 -10.20 16.92
CA GLU A 13 -6.25 -10.59 15.71
C GLU A 13 -6.87 -11.96 15.87
N GLU A 14 -6.10 -12.90 16.46
CA GLU A 14 -6.57 -14.25 16.72
C GLU A 14 -7.81 -14.23 17.61
N LYS A 15 -7.84 -13.36 18.63
CA LYS A 15 -9.01 -13.16 19.47
C LYS A 15 -10.27 -12.66 18.74
N LYS A 16 -10.15 -11.62 17.89
CA LYS A 16 -11.28 -11.11 17.12
C LYS A 16 -11.94 -12.20 16.28
N CYS A 17 -11.09 -13.01 15.66
CA CYS A 17 -11.52 -14.10 14.82
C CYS A 17 -12.31 -15.08 15.70
N ASN A 18 -11.82 -15.56 16.85
CA ASN A 18 -12.56 -16.50 17.69
C ASN A 18 -13.87 -15.89 18.17
N ASN A 19 -13.97 -14.58 18.30
CA ASN A 19 -15.25 -13.98 18.64
C ASN A 19 -16.27 -14.07 17.51
N LEU A 20 -15.82 -13.89 16.25
CA LEU A 20 -16.67 -14.00 15.08
C LEU A 20 -17.06 -15.47 14.93
N ARG A 21 -16.17 -16.40 15.24
CA ARG A 21 -16.42 -17.84 15.29
C ARG A 21 -17.55 -18.11 16.28
N ASP A 22 -17.47 -17.67 17.55
CA ASP A 22 -18.58 -17.87 18.51
C ASP A 22 -19.87 -17.29 17.94
N LEU A 23 -19.76 -16.11 17.32
CA LEU A 23 -20.91 -15.45 16.77
C LEU A 23 -21.45 -16.12 15.52
N THR A 24 -20.72 -16.92 14.77
CA THR A 24 -21.34 -17.55 13.63
C THR A 24 -21.43 -19.05 13.79
N GLN A 25 -21.02 -19.67 14.90
CA GLN A 25 -21.10 -21.12 15.09
C GLN A 25 -22.30 -21.91 14.62
N GLN A 26 -23.46 -21.30 14.70
CA GLN A 26 -24.69 -21.92 14.29
C GLN A 26 -25.10 -21.57 12.86
N GLU A 27 -24.15 -21.14 12.03
CA GLU A 27 -24.42 -20.89 10.61
C GLU A 27 -23.89 -22.18 9.98
N ARG A 28 -24.33 -22.52 8.75
CA ARG A 28 -23.86 -23.75 8.13
C ARG A 28 -22.37 -23.76 7.73
N ILE A 29 -21.76 -22.63 7.37
CA ILE A 29 -20.31 -22.55 7.08
C ILE A 29 -19.68 -21.94 8.35
N SER A 30 -18.70 -22.58 8.96
CA SER A 30 -18.20 -22.04 10.20
C SER A 30 -16.79 -21.52 10.05
N LEU A 31 -16.30 -20.72 11.01
CA LEU A 31 -14.98 -20.13 10.98
C LEU A 31 -14.06 -20.84 11.95
N THR A 32 -12.76 -20.85 11.73
CA THR A 32 -11.78 -21.47 12.59
C THR A 32 -10.57 -20.60 12.32
N CYS A 33 -9.85 -20.21 13.36
CA CYS A 33 -8.77 -19.27 13.27
C CYS A 33 -7.46 -19.97 13.42
N VAL A 34 -6.54 -19.83 12.47
CA VAL A 34 -5.20 -20.41 12.53
C VAL A 34 -4.31 -19.20 12.82
N GLN A 35 -3.34 -19.18 13.74
CA GLN A 35 -2.41 -18.07 13.95
C GLN A 35 -1.03 -18.48 13.50
N LYS A 36 -0.37 -17.72 12.65
CA LYS A 36 0.98 -17.99 12.24
C LYS A 36 1.84 -16.80 12.64
N ALA A 37 3.14 -16.79 12.41
CA ALA A 37 3.96 -15.75 12.95
C ALA A 37 3.95 -14.48 12.12
N THR A 38 3.95 -14.66 10.81
CA THR A 38 4.05 -13.55 9.89
C THR A 38 3.03 -13.80 8.81
N TYR A 39 2.77 -12.80 7.96
CA TYR A 39 1.79 -12.95 6.88
C TYR A 39 2.35 -13.95 5.84
N LEU A 40 3.66 -14.02 5.70
CA LEU A 40 4.26 -14.97 4.78
C LEU A 40 3.98 -16.41 5.19
N ASP A 41 4.06 -16.72 6.49
CA ASP A 41 3.76 -18.06 6.96
C ASP A 41 2.29 -18.32 6.69
N CYS A 42 1.44 -17.29 6.80
CA CYS A 42 0.07 -17.46 6.39
C CYS A 42 -0.05 -17.69 4.90
N ILE A 43 0.73 -17.10 3.96
CA ILE A 43 0.57 -17.37 2.51
C ILE A 43 0.91 -18.84 2.25
N LYS A 44 2.01 -19.32 2.87
CA LYS A 44 2.45 -20.71 2.75
C LYS A 44 1.38 -21.66 3.28
N ALA A 45 0.78 -21.37 4.44
CA ALA A 45 -0.31 -22.18 4.98
C ALA A 45 -1.54 -22.22 4.08
N ILE A 46 -1.91 -21.11 3.41
CA ILE A 46 -3.10 -21.13 2.56
C ILE A 46 -2.77 -21.94 1.32
N ALA A 47 -1.61 -21.67 0.77
CA ALA A 47 -1.13 -22.41 -0.36
C ALA A 47 -1.12 -23.90 -0.02
N ASN A 48 -0.67 -24.30 1.17
CA ASN A 48 -0.58 -25.72 1.51
C ASN A 48 -1.83 -26.32 2.14
N ASN A 49 -3.01 -25.75 1.83
CA ASN A 49 -4.30 -26.20 2.32
C ASN A 49 -4.38 -26.39 3.83
N GLU A 50 -3.69 -25.54 4.58
CA GLU A 50 -3.66 -25.58 6.03
C GLU A 50 -4.53 -24.50 6.61
N ALA A 51 -4.81 -23.46 5.81
CA ALA A 51 -5.73 -22.40 6.14
C ALA A 51 -6.33 -21.99 4.78
N ASP A 52 -7.33 -21.11 4.75
CA ASP A 52 -7.97 -20.74 3.50
C ASP A 52 -8.03 -19.25 3.10
N ALA A 53 -7.77 -18.25 3.95
CA ALA A 53 -8.01 -16.87 3.55
C ALA A 53 -7.32 -15.90 4.49
N ILE A 54 -6.95 -14.70 4.01
CA ILE A 54 -6.35 -13.65 4.83
C ILE A 54 -6.43 -12.36 4.01
N SER A 55 -6.53 -11.19 4.65
CA SER A 55 -6.48 -9.90 3.93
C SER A 55 -5.05 -9.37 3.95
N LEU A 56 -4.62 -9.01 2.74
CA LEU A 56 -3.24 -8.63 2.48
C LEU A 56 -3.26 -7.26 1.85
N ASP A 57 -2.27 -6.38 2.01
CA ASP A 57 -2.29 -5.14 1.27
C ASP A 57 -1.75 -5.40 -0.13
N GLY A 58 -1.61 -4.41 -1.01
CA GLY A 58 -1.19 -4.61 -2.40
C GLY A 58 0.17 -5.22 -2.61
N GLY A 59 1.21 -4.88 -1.84
CA GLY A 59 2.50 -5.50 -2.05
C GLY A 59 2.52 -6.96 -1.64
N GLN A 60 1.71 -7.26 -0.62
CA GLN A 60 1.61 -8.60 -0.10
C GLN A 60 0.76 -9.40 -1.06
N VAL A 61 -0.29 -8.80 -1.69
CA VAL A 61 -1.05 -9.49 -2.76
C VAL A 61 -0.13 -9.80 -3.94
N PHE A 62 0.81 -8.93 -4.32
CA PHE A 62 1.79 -9.23 -5.36
C PHE A 62 2.54 -10.49 -4.97
N GLU A 63 3.11 -10.50 -3.75
CA GLU A 63 3.84 -11.65 -3.25
C GLU A 63 3.03 -12.93 -3.26
N ALA A 64 1.82 -12.92 -2.75
CA ALA A 64 0.95 -14.08 -2.72
C ALA A 64 0.56 -14.62 -4.10
N GLY A 65 0.65 -13.85 -5.18
CA GLY A 65 0.23 -14.35 -6.45
C GLY A 65 1.41 -14.90 -7.23
N LEU A 66 2.63 -14.76 -6.76
CA LEU A 66 3.75 -15.27 -7.49
C LEU A 66 3.94 -16.75 -7.24
N ALA A 67 4.69 -17.48 -8.08
CA ALA A 67 4.92 -18.90 -7.87
C ALA A 67 5.78 -19.05 -6.61
N PRO A 68 5.60 -20.06 -5.73
CA PRO A 68 4.76 -21.24 -5.95
C PRO A 68 3.35 -21.16 -5.42
N TYR A 69 3.06 -20.04 -4.74
CA TYR A 69 1.82 -19.84 -4.00
C TYR A 69 0.61 -19.64 -4.91
N LYS A 70 0.71 -18.70 -5.85
CA LYS A 70 -0.33 -18.41 -6.83
C LYS A 70 -1.76 -18.18 -6.32
N LEU A 71 -1.81 -17.46 -5.21
CA LEU A 71 -3.09 -17.07 -4.61
C LEU A 71 -3.67 -15.92 -5.44
N LYS A 72 -4.98 -15.72 -5.47
CA LYS A 72 -5.55 -14.62 -6.21
C LYS A 72 -6.45 -13.86 -5.25
N PRO A 73 -6.68 -12.54 -5.42
CA PRO A 73 -7.63 -11.77 -4.61
C PRO A 73 -9.07 -12.13 -4.96
N ILE A 74 -9.93 -12.31 -3.96
CA ILE A 74 -11.26 -12.75 -4.21
C ILE A 74 -12.30 -11.78 -3.71
N ALA A 75 -11.91 -10.80 -2.89
CA ALA A 75 -12.85 -9.79 -2.38
C ALA A 75 -11.97 -8.63 -1.95
N ALA A 76 -12.43 -7.40 -1.90
CA ALA A 76 -11.54 -6.28 -1.64
C ALA A 76 -12.27 -5.28 -0.80
N GLU A 77 -11.57 -4.58 0.05
CA GLU A 77 -12.20 -3.55 0.85
C GLU A 77 -12.58 -2.33 0.04
N VAL A 78 -13.63 -1.65 0.47
CA VAL A 78 -14.11 -0.40 -0.06
C VAL A 78 -13.95 0.57 1.12
N TYR A 79 -13.56 1.83 0.92
CA TYR A 79 -13.34 2.83 1.95
C TYR A 79 -14.17 4.02 1.59
N GLU A 80 -14.46 4.95 2.50
CA GLU A 80 -15.23 6.15 2.21
C GLU A 80 -14.66 7.21 1.29
N HIS A 81 -13.33 7.36 1.41
CA HIS A 81 -12.55 8.38 0.70
C HIS A 81 -12.23 8.01 -0.75
N THR A 82 -12.54 6.82 -1.22
CA THR A 82 -12.28 6.48 -2.59
C THR A 82 -13.54 6.06 -3.32
N GLU A 83 -14.66 6.23 -2.66
CA GLU A 83 -15.97 6.19 -3.32
C GLU A 83 -16.36 5.03 -4.22
N GLY A 84 -16.53 3.86 -3.61
CA GLY A 84 -16.99 2.67 -4.30
C GLY A 84 -15.92 1.94 -5.07
N SER A 85 -14.72 2.51 -5.17
CA SER A 85 -13.68 1.87 -5.90
C SER A 85 -12.78 1.09 -4.94
N THR A 86 -12.14 0.05 -5.47
CA THR A 86 -11.19 -0.79 -4.76
C THR A 86 -9.75 -0.24 -4.73
N THR A 87 -9.63 1.00 -4.24
CA THR A 87 -8.38 1.75 -4.22
C THR A 87 -8.07 2.25 -2.82
N SER A 88 -6.87 2.14 -2.37
CA SER A 88 -6.45 2.68 -1.11
C SER A 88 -6.11 4.12 -1.38
N TYR A 89 -5.17 4.38 -2.34
CA TYR A 89 -4.79 5.75 -2.69
C TYR A 89 -4.04 5.82 -4.03
N TYR A 90 -3.64 6.98 -4.52
CA TYR A 90 -2.87 7.06 -5.78
C TYR A 90 -1.58 7.69 -5.37
N ALA A 91 -0.48 7.14 -5.88
CA ALA A 91 0.84 7.73 -5.70
C ALA A 91 1.02 8.89 -6.67
N VAL A 92 1.43 10.08 -6.22
CA VAL A 92 1.62 11.26 -7.07
C VAL A 92 3.00 11.87 -6.81
N ALA A 93 3.48 12.76 -7.68
CA ALA A 93 4.77 13.43 -7.54
C ALA A 93 4.39 14.89 -7.50
N VAL A 94 4.50 15.51 -6.33
CA VAL A 94 4.11 16.90 -6.05
C VAL A 94 5.31 17.79 -6.29
N VAL A 95 5.15 18.88 -7.03
CA VAL A 95 6.21 19.84 -7.34
C VAL A 95 5.65 21.23 -6.97
N LYS A 96 6.46 22.29 -6.84
CA LYS A 96 5.97 23.65 -6.60
C LYS A 96 5.44 24.21 -7.90
N LYS A 97 4.36 24.98 -7.90
CA LYS A 97 3.83 25.58 -9.13
C LYS A 97 4.89 26.60 -9.60
N GLY A 98 5.08 26.75 -10.91
CA GLY A 98 6.03 27.73 -11.32
C GLY A 98 7.40 27.17 -11.62
N THR A 99 7.86 26.02 -11.05
CA THR A 99 9.11 25.47 -11.55
C THR A 99 8.74 24.96 -12.97
N GLU A 100 9.60 24.69 -13.95
CA GLU A 100 9.00 24.35 -15.23
C GLU A 100 9.29 22.94 -15.68
N PHE A 101 10.24 22.26 -15.06
CA PHE A 101 10.63 20.91 -15.49
C PHE A 101 9.46 19.96 -15.52
N THR A 102 9.57 18.98 -16.41
CA THR A 102 8.54 17.99 -16.53
C THR A 102 9.22 16.70 -16.08
N VAL A 103 8.55 15.54 -16.21
CA VAL A 103 9.09 14.24 -15.88
C VAL A 103 10.23 13.93 -16.86
N ASN A 104 10.27 14.55 -18.04
CA ASN A 104 11.35 14.33 -18.98
C ASN A 104 12.64 14.94 -18.44
N ASP A 105 12.63 15.89 -17.50
CA ASP A 105 13.81 16.57 -16.98
C ASP A 105 14.10 16.24 -15.53
N LEU A 106 13.86 15.04 -15.06
CA LEU A 106 13.97 14.77 -13.64
C LEU A 106 15.39 14.48 -13.18
N GLN A 107 16.19 13.99 -14.12
CA GLN A 107 17.58 13.67 -13.90
C GLN A 107 18.34 14.90 -13.45
N GLY A 108 19.01 14.72 -12.32
CA GLY A 108 19.79 15.80 -11.75
C GLY A 108 18.98 16.65 -10.80
N LYS A 109 17.67 16.43 -10.54
CA LYS A 109 16.91 17.21 -9.58
C LYS A 109 17.13 16.64 -8.16
N THR A 110 16.71 17.31 -7.10
CA THR A 110 16.78 16.74 -5.77
C THR A 110 15.37 16.26 -5.44
N SER A 111 15.21 15.25 -4.57
CA SER A 111 13.91 14.67 -4.24
C SER A 111 13.70 14.33 -2.77
N CYS A 112 12.41 14.28 -2.42
CA CYS A 112 11.94 13.99 -1.09
C CYS A 112 11.12 12.70 -1.16
N HIS A 113 11.43 11.69 -0.35
CA HIS A 113 10.76 10.41 -0.38
C HIS A 113 10.34 10.15 1.04
N THR A 114 9.29 9.35 1.23
CA THR A 114 8.79 9.07 2.57
C THR A 114 9.73 8.21 3.39
N GLY A 115 10.40 7.27 2.73
CA GLY A 115 11.37 6.39 3.33
C GLY A 115 11.73 5.29 2.37
N LEU A 116 12.85 4.59 2.60
CA LEU A 116 13.31 3.52 1.72
C LEU A 116 12.37 2.33 1.85
N GLY A 117 11.88 1.72 0.78
CA GLY A 117 11.06 0.52 0.84
C GLY A 117 9.58 0.76 0.96
N ARG A 118 9.12 2.00 1.07
CA ARG A 118 7.73 2.32 1.20
C ARG A 118 7.05 2.42 -0.16
N SER A 119 5.77 2.10 -0.32
CA SER A 119 5.06 2.13 -1.59
C SER A 119 5.11 3.46 -2.36
N ALA A 120 4.38 4.47 -1.94
CA ALA A 120 4.27 5.71 -2.65
C ALA A 120 5.57 6.50 -2.67
N GLY A 121 6.39 6.45 -1.62
CA GLY A 121 7.62 7.22 -1.61
C GLY A 121 8.84 6.56 -2.26
N TRP A 122 8.87 5.24 -2.49
CA TRP A 122 10.06 4.58 -3.04
C TRP A 122 9.76 3.49 -4.04
N ASN A 123 8.93 2.51 -3.76
CA ASN A 123 8.73 1.41 -4.69
C ASN A 123 8.05 1.79 -5.98
N ILE A 124 6.99 2.61 -5.92
CA ILE A 124 6.28 3.04 -7.15
C ILE A 124 7.10 4.06 -7.97
N PRO A 125 7.62 5.24 -7.52
CA PRO A 125 8.41 6.15 -8.33
C PRO A 125 9.67 5.55 -8.92
N ILE A 126 10.49 4.87 -8.13
CA ILE A 126 11.72 4.28 -8.59
C ILE A 126 11.42 3.08 -9.47
N GLY A 127 10.50 2.14 -9.20
CA GLY A 127 10.27 1.08 -10.17
C GLY A 127 9.70 1.59 -11.50
N THR A 128 8.95 2.70 -11.51
CA THR A 128 8.43 3.32 -12.72
C THR A 128 9.57 3.86 -13.54
N LEU A 129 10.51 4.57 -12.93
CA LEU A 129 11.65 5.14 -13.65
C LEU A 129 12.58 4.04 -14.15
N ILE A 130 12.71 2.92 -13.42
CA ILE A 130 13.48 1.78 -13.92
C ILE A 130 12.71 1.18 -15.08
N HIS A 131 11.43 0.87 -14.96
CA HIS A 131 10.67 0.28 -16.03
C HIS A 131 10.72 1.08 -17.34
N ARG A 132 10.59 2.40 -17.24
CA ARG A 132 10.64 3.28 -18.40
C ARG A 132 12.06 3.54 -18.90
N GLY A 133 13.07 2.98 -18.24
CA GLY A 133 14.42 3.13 -18.71
C GLY A 133 15.07 4.42 -18.27
N ALA A 134 14.48 5.25 -17.41
CA ALA A 134 15.17 6.45 -16.92
C ALA A 134 16.27 6.11 -15.91
N ILE A 135 16.09 5.05 -15.09
CA ILE A 135 17.09 4.62 -14.13
C ILE A 135 17.52 3.26 -14.60
N GLU A 136 18.82 3.05 -14.70
CA GLU A 136 19.27 1.75 -15.14
C GLU A 136 19.67 0.97 -13.91
N TRP A 137 19.10 -0.20 -13.74
CA TRP A 137 19.45 -1.07 -12.63
C TRP A 137 19.15 -2.43 -13.19
N GLU A 138 20.10 -3.36 -13.24
CA GLU A 138 19.71 -4.63 -13.81
C GLU A 138 19.38 -5.66 -12.73
N GLY A 139 19.85 -5.55 -11.48
CA GLY A 139 19.44 -6.52 -10.47
C GLY A 139 20.31 -6.38 -9.23
N ILE A 140 20.01 -7.08 -8.14
CA ILE A 140 20.79 -6.96 -6.90
C ILE A 140 22.30 -7.21 -6.99
N GLU A 141 22.81 -8.09 -7.87
CA GLU A 141 24.24 -8.18 -8.07
C GLU A 141 24.34 -7.19 -9.23
N SER A 142 24.63 -6.03 -8.64
CA SER A 142 24.84 -4.68 -9.16
C SER A 142 25.09 -4.12 -7.74
N GLY A 143 24.06 -4.31 -6.93
CA GLY A 143 24.06 -3.87 -5.58
C GLY A 143 22.69 -3.28 -5.46
N SER A 144 22.63 -2.49 -4.40
CA SER A 144 21.43 -1.83 -4.01
C SER A 144 20.96 -0.89 -5.14
N VAL A 145 19.62 -0.75 -5.18
CA VAL A 145 18.97 0.21 -6.04
C VAL A 145 19.42 1.57 -5.52
N GLU A 146 19.90 1.78 -4.27
CA GLU A 146 20.38 3.06 -3.80
C GLU A 146 21.48 3.58 -4.70
N GLN A 147 22.35 2.72 -5.21
CA GLN A 147 23.42 3.22 -6.08
C GLN A 147 22.90 3.73 -7.43
N ALA A 148 21.94 3.01 -8.02
CA ALA A 148 21.34 3.38 -9.29
C ALA A 148 20.61 4.71 -9.10
N VAL A 149 19.86 4.86 -8.00
CA VAL A 149 19.12 6.10 -7.76
C VAL A 149 20.03 7.30 -7.57
N ALA A 150 21.23 7.02 -7.06
CA ALA A 150 22.19 8.10 -6.82
C ALA A 150 22.87 8.58 -8.09
N LYS A 151 22.76 7.86 -9.19
CA LYS A 151 23.29 8.36 -10.45
C LYS A 151 22.20 9.12 -11.19
N PHE A 152 20.97 9.21 -10.62
CA PHE A 152 19.82 9.88 -11.22
C PHE A 152 19.47 11.17 -10.48
N PHE A 153 19.20 11.23 -9.17
CA PHE A 153 18.90 12.50 -8.52
C PHE A 153 20.18 13.05 -7.99
N SER A 154 20.36 14.37 -7.87
CA SER A 154 21.66 14.85 -7.46
C SER A 154 21.82 14.71 -5.96
N ALA A 155 20.76 14.84 -5.17
CA ALA A 155 20.79 14.58 -3.73
C ALA A 155 19.35 14.31 -3.31
N SER A 156 19.09 13.59 -2.24
CA SER A 156 17.72 13.25 -1.89
C SER A 156 17.61 13.21 -0.38
N CYS A 157 16.38 13.08 0.15
CA CYS A 157 16.19 12.69 1.54
C CYS A 157 15.34 11.45 1.41
N VAL A 158 15.95 10.33 1.74
CA VAL A 158 15.28 9.06 1.75
C VAL A 158 15.49 8.49 3.17
N PRO A 159 14.66 8.74 4.21
CA PRO A 159 14.71 8.07 5.51
C PRO A 159 14.91 6.57 5.42
N GLY A 160 15.99 6.12 6.02
CA GLY A 160 16.28 4.70 6.05
C GLY A 160 17.35 4.25 5.10
N ALA A 161 17.89 5.11 4.22
CA ALA A 161 18.95 4.72 3.31
C ALA A 161 20.26 4.40 4.05
N THR A 162 21.08 3.44 3.56
CA THR A 162 22.31 3.04 4.25
C THR A 162 23.56 2.90 3.41
N ILE A 163 23.38 2.84 2.08
CA ILE A 163 24.45 2.63 1.10
C ILE A 163 25.05 3.92 0.58
N GLU A 164 24.21 4.88 0.22
CA GLU A 164 24.66 6.09 -0.43
C GLU A 164 24.43 7.32 0.41
N GLN A 165 25.50 8.00 0.73
CA GLN A 165 25.44 9.19 1.52
C GLN A 165 24.61 10.31 0.86
N LYS A 166 24.61 10.50 -0.48
CA LYS A 166 23.79 11.50 -1.21
C LYS A 166 22.29 11.30 -0.95
N LEU A 167 21.83 10.08 -0.67
CA LEU A 167 20.42 9.81 -0.41
C LEU A 167 19.95 10.39 0.91
N CYS A 168 20.86 10.79 1.79
CA CYS A 168 20.48 11.38 3.05
C CYS A 168 20.81 12.85 3.08
N ARG A 169 21.49 13.38 2.06
CA ARG A 169 21.95 14.75 2.10
C ARG A 169 20.89 15.83 2.27
N GLN A 170 19.66 15.70 1.72
CA GLN A 170 18.69 16.80 1.83
C GLN A 170 17.86 16.75 3.13
N CYS A 171 18.16 15.78 4.00
CA CYS A 171 17.31 15.55 5.15
C CYS A 171 17.49 16.56 6.26
N LYS A 172 16.46 16.93 7.02
CA LYS A 172 16.56 17.85 8.17
C LYS A 172 16.89 17.09 9.46
N GLY A 173 17.60 17.65 10.44
CA GLY A 173 17.87 16.96 11.70
C GLY A 173 19.35 16.99 12.04
N ASP A 174 19.79 16.54 13.20
CA ASP A 174 21.23 16.49 13.47
C ASP A 174 21.87 15.34 12.70
N PRO A 175 23.20 15.21 12.51
CA PRO A 175 23.80 14.15 11.68
C PRO A 175 23.45 12.73 12.08
N LYS A 176 23.30 12.58 13.38
CA LYS A 176 23.00 11.27 13.92
C LYS A 176 21.66 10.75 13.50
N THR A 177 20.64 11.62 13.44
CA THR A 177 19.29 11.18 13.15
C THR A 177 18.57 11.72 11.91
N LYS A 178 19.15 12.60 11.11
CA LYS A 178 18.48 13.12 9.92
C LYS A 178 18.01 12.07 8.89
N CYS A 179 18.65 10.88 8.81
CA CYS A 179 18.29 9.86 7.84
C CYS A 179 17.74 8.59 8.49
N ALA A 180 17.26 8.70 9.72
CA ALA A 180 16.67 7.59 10.43
C ALA A 180 15.29 7.38 9.89
N ARG A 181 14.74 6.21 10.12
CA ARG A 181 13.45 5.88 9.53
C ARG A 181 12.33 6.75 10.09
N ASN A 182 12.58 7.38 11.22
CA ASN A 182 11.61 8.22 11.89
C ASN A 182 12.07 9.65 11.86
N ALA A 183 12.96 10.00 10.94
CA ALA A 183 13.45 11.36 10.77
C ALA A 183 12.41 12.47 10.65
N PRO A 184 12.73 13.76 10.92
CA PRO A 184 11.93 14.93 10.55
C PRO A 184 11.24 14.85 9.19
N TYR A 185 11.90 14.32 8.16
CA TYR A 185 11.31 14.19 6.84
C TYR A 185 10.77 12.80 6.46
N SER A 186 10.50 11.87 7.39
CA SER A 186 9.91 10.61 6.96
C SER A 186 8.39 10.73 6.88
N GLY A 187 7.80 9.72 6.26
CA GLY A 187 6.35 9.63 6.11
C GLY A 187 5.84 10.59 5.05
N TYR A 188 4.51 10.59 4.83
CA TYR A 188 3.91 11.39 3.77
C TYR A 188 4.09 12.86 4.10
N SER A 189 3.73 13.25 5.32
CA SER A 189 3.85 14.63 5.74
C SER A 189 5.30 15.11 5.76
N GLY A 190 6.27 14.26 6.14
CA GLY A 190 7.68 14.60 6.18
C GLY A 190 8.24 14.91 4.79
N ALA A 191 7.90 14.07 3.83
CA ALA A 191 8.37 14.27 2.47
C ALA A 191 7.70 15.50 1.88
N PHE A 192 6.49 15.84 2.31
CA PHE A 192 5.87 17.10 1.89
C PHE A 192 6.58 18.30 2.52
N HIS A 193 7.00 18.29 3.81
CA HIS A 193 7.66 19.44 4.43
C HIS A 193 9.05 19.58 3.85
N CYS A 194 9.68 18.48 3.45
CA CYS A 194 10.92 18.51 2.66
C CYS A 194 10.74 19.32 1.39
N LEU A 195 9.61 19.13 0.67
CA LEU A 195 9.35 19.89 -0.55
C LEU A 195 9.10 21.36 -0.24
N LYS A 196 8.21 21.61 0.71
CA LYS A 196 7.87 22.93 1.20
C LYS A 196 9.08 23.76 1.59
N ASP A 197 10.02 23.17 2.34
CA ASP A 197 11.23 23.89 2.79
C ASP A 197 12.29 23.99 1.69
N GLY A 198 11.98 23.57 0.47
CA GLY A 198 12.90 23.70 -0.62
C GLY A 198 14.06 22.75 -0.58
N LYS A 199 14.03 21.70 0.23
CA LYS A 199 15.11 20.71 0.27
C LYS A 199 15.07 19.73 -0.90
N GLY A 200 13.98 19.71 -1.63
CA GLY A 200 13.87 18.85 -2.79
C GLY A 200 12.94 19.52 -3.78
N ASP A 201 13.10 19.13 -5.04
CA ASP A 201 12.24 19.64 -6.08
C ASP A 201 10.96 18.86 -6.26
N VAL A 202 10.90 17.57 -5.93
CA VAL A 202 9.78 16.65 -6.13
C VAL A 202 9.53 15.96 -4.79
N ALA A 203 8.31 15.74 -4.30
CA ALA A 203 8.06 14.88 -3.15
C ALA A 203 7.25 13.68 -3.65
N PHE A 204 7.65 12.44 -3.44
CA PHE A 204 6.86 11.28 -3.86
C PHE A 204 5.96 10.88 -2.71
N VAL A 205 4.67 11.26 -2.77
CA VAL A 205 3.72 11.06 -1.67
C VAL A 205 2.40 10.50 -2.17
N LYS A 206 1.24 10.65 -1.50
CA LYS A 206 -0.01 10.17 -2.03
C LYS A 206 -0.94 11.33 -2.31
N HIS A 207 -2.00 11.02 -3.08
CA HIS A 207 -2.94 12.04 -3.54
C HIS A 207 -3.60 12.90 -2.45
N THR A 208 -3.64 12.54 -1.16
CA THR A 208 -4.29 13.34 -0.12
C THR A 208 -3.28 14.17 0.65
N THR A 209 -1.98 13.94 0.46
CA THR A 209 -0.99 14.59 1.29
C THR A 209 -1.03 16.10 1.30
N VAL A 210 -1.21 16.78 0.18
CA VAL A 210 -1.26 18.23 0.20
C VAL A 210 -2.55 18.62 0.89
N ASN A 211 -3.70 18.06 0.58
CA ASN A 211 -4.92 18.45 1.29
C ASN A 211 -4.89 18.24 2.79
N GLU A 212 -4.14 17.27 3.29
CA GLU A 212 -4.02 17.05 4.72
C GLU A 212 -3.12 18.02 5.46
N ASN A 213 -2.00 18.33 4.83
CA ASN A 213 -0.97 19.14 5.43
C ASN A 213 -1.01 20.62 5.14
N ALA A 214 -1.55 20.99 3.98
CA ALA A 214 -1.62 22.37 3.50
C ALA A 214 -2.96 22.64 2.78
N PRO A 215 -4.20 22.44 3.39
CA PRO A 215 -5.47 22.55 2.66
C PRO A 215 -5.62 23.94 2.06
N ASP A 216 -5.18 24.90 2.88
CA ASP A 216 -5.20 26.32 2.58
C ASP A 216 -4.12 26.78 1.62
N GLN A 217 -3.29 25.91 1.05
CA GLN A 217 -2.21 26.30 0.17
C GLN A 217 -1.98 25.43 -1.05
N LYS A 218 -3.04 24.72 -1.46
CA LYS A 218 -3.01 23.79 -2.58
C LYS A 218 -2.52 24.37 -3.89
N ASP A 219 -2.89 25.62 -4.16
CA ASP A 219 -2.56 26.14 -5.47
C ASP A 219 -1.12 26.63 -5.57
N GLU A 220 -0.31 26.51 -4.50
CA GLU A 220 1.12 26.76 -4.58
C GLU A 220 1.84 25.53 -5.11
N TYR A 221 1.11 24.42 -5.29
CA TYR A 221 1.64 23.11 -5.63
C TYR A 221 1.01 22.57 -6.88
N GLU A 222 1.67 21.65 -7.56
CA GLU A 222 1.19 21.00 -8.76
C GLU A 222 1.59 19.53 -8.73
N LEU A 223 1.09 18.73 -9.65
CA LEU A 223 1.49 17.36 -9.78
C LEU A 223 2.24 17.21 -11.08
N LEU A 224 3.28 16.40 -11.03
CA LEU A 224 4.04 15.98 -12.18
C LEU A 224 3.49 14.68 -12.74
N CYS A 225 3.01 14.75 -13.99
CA CYS A 225 2.40 13.63 -14.67
C CYS A 225 3.40 12.88 -15.53
N LEU A 226 3.18 11.58 -15.66
CA LEU A 226 4.06 10.74 -16.45
C LEU A 226 3.98 10.98 -17.95
N ASP A 227 3.05 11.81 -18.42
CA ASP A 227 3.00 12.06 -19.87
C ASP A 227 3.67 13.37 -20.29
N GLY A 228 4.33 14.09 -19.37
CA GLY A 228 4.94 15.34 -19.69
C GLY A 228 4.14 16.51 -19.16
N SER A 229 2.89 16.38 -18.70
CA SER A 229 2.16 17.55 -18.24
C SER A 229 2.37 17.82 -16.77
N ARG A 230 1.93 18.98 -16.29
CA ARG A 230 1.87 19.26 -14.87
C ARG A 230 0.40 19.54 -14.68
N GLN A 231 -0.30 19.10 -13.64
CA GLN A 231 -1.71 19.35 -13.50
C GLN A 231 -1.98 19.82 -12.07
N PRO A 232 -3.13 20.43 -11.75
CA PRO A 232 -3.51 20.81 -10.39
C PRO A 232 -3.53 19.65 -9.38
N VAL A 233 -3.26 19.94 -8.10
CA VAL A 233 -3.26 18.94 -7.02
C VAL A 233 -4.53 18.08 -6.99
N ASP A 234 -5.67 18.65 -7.37
CA ASP A 234 -6.93 17.94 -7.35
C ASP A 234 -7.15 17.09 -8.59
N ASN A 235 -6.23 17.11 -9.54
CA ASN A 235 -6.31 16.32 -10.75
C ASN A 235 -5.59 14.99 -10.63
N TYR A 236 -5.55 14.39 -9.43
CA TYR A 236 -4.76 13.18 -9.26
C TYR A 236 -5.30 12.03 -10.07
N LYS A 237 -6.60 12.02 -10.37
CA LYS A 237 -7.11 10.89 -11.13
C LYS A 237 -6.59 10.80 -12.54
N THR A 238 -6.18 11.90 -13.16
CA THR A 238 -5.59 11.83 -14.48
C THR A 238 -4.09 12.12 -14.41
N CYS A 239 -3.47 12.19 -13.23
CA CYS A 239 -2.07 12.60 -13.15
C CYS A 239 -1.50 11.96 -11.91
N ASN A 240 -1.37 10.64 -11.91
CA ASN A 240 -0.80 9.89 -10.78
C ASN A 240 0.20 8.93 -11.40
N TRP A 241 1.16 8.38 -10.67
CA TRP A 241 2.11 7.42 -11.21
C TRP A 241 1.63 5.99 -11.06
N ALA A 242 0.71 5.72 -10.12
CA ALA A 242 0.07 4.41 -9.99
C ALA A 242 -1.04 4.47 -8.94
N ARG A 243 -2.09 3.70 -9.15
CA ARG A 243 -3.19 3.52 -8.22
C ARG A 243 -2.73 2.43 -7.27
N VAL A 244 -2.89 2.56 -5.96
CA VAL A 244 -2.49 1.52 -5.00
C VAL A 244 -3.82 0.91 -4.57
N ALA A 245 -4.06 -0.35 -4.87
CA ALA A 245 -5.33 -0.99 -4.60
C ALA A 245 -5.57 -1.20 -3.12
N ALA A 246 -6.85 -1.39 -2.91
CA ALA A 246 -7.41 -1.70 -1.62
C ALA A 246 -6.86 -3.03 -1.08
N HIS A 247 -6.95 -3.26 0.26
CA HIS A 247 -6.56 -4.55 0.80
C HIS A 247 -7.58 -5.57 0.27
N ALA A 248 -7.08 -6.76 -0.05
CA ALA A 248 -7.91 -7.81 -0.62
C ALA A 248 -7.72 -9.10 0.16
N VAL A 249 -8.79 -9.88 0.27
CA VAL A 249 -8.72 -11.23 0.85
C VAL A 249 -8.17 -12.16 -0.23
N VAL A 250 -7.04 -12.83 -0.06
CA VAL A 250 -6.53 -13.78 -1.04
C VAL A 250 -6.89 -15.22 -0.64
N ALA A 251 -7.02 -16.09 -1.64
CA ALA A 251 -7.43 -17.48 -1.44
C ALA A 251 -6.86 -18.22 -2.60
N ARG A 252 -6.77 -19.54 -2.46
CA ARG A 252 -6.34 -20.45 -3.53
C ARG A 252 -7.39 -20.36 -4.61
N ASP A 253 -6.99 -20.57 -5.83
CA ASP A 253 -7.94 -20.54 -6.89
C ASP A 253 -8.51 -21.95 -6.89
N ASP A 254 -9.64 -22.16 -6.26
CA ASP A 254 -10.28 -23.45 -6.22
C ASP A 254 -11.69 -23.26 -5.76
N ASN A 255 -12.58 -24.23 -5.70
CA ASN A 255 -13.96 -23.82 -5.50
C ASN A 255 -14.33 -23.59 -4.05
N LYS A 256 -13.37 -23.54 -3.14
CA LYS A 256 -13.72 -23.12 -1.77
C LYS A 256 -14.02 -21.60 -1.78
N VAL A 257 -13.60 -20.88 -2.83
CA VAL A 257 -13.85 -19.45 -3.02
C VAL A 257 -15.31 -19.03 -2.83
N GLU A 258 -16.29 -19.72 -3.42
CA GLU A 258 -17.66 -19.30 -3.21
C GLU A 258 -18.03 -19.46 -1.75
N ASP A 259 -17.41 -20.39 -1.02
CA ASP A 259 -17.72 -20.58 0.38
C ASP A 259 -17.16 -19.46 1.20
N ILE A 260 -15.93 -19.03 0.89
CA ILE A 260 -15.37 -17.90 1.64
C ILE A 260 -16.23 -16.69 1.42
N TRP A 261 -16.54 -16.40 0.13
CA TRP A 261 -17.37 -15.25 -0.14
C TRP A 261 -18.73 -15.42 0.50
N SER A 262 -19.39 -16.60 0.51
CA SER A 262 -20.65 -16.74 1.20
C SER A 262 -20.48 -16.44 2.67
N PHE A 263 -19.37 -16.83 3.29
CA PHE A 263 -19.21 -16.56 4.71
C PHE A 263 -19.13 -15.04 4.92
N LEU A 264 -18.32 -14.39 4.09
CA LEU A 264 -18.02 -12.98 4.21
C LEU A 264 -19.24 -12.15 3.96
N SER A 265 -20.06 -12.51 2.99
CA SER A 265 -21.25 -11.77 2.68
C SER A 265 -22.27 -11.81 3.82
N LYS A 266 -22.44 -12.94 4.54
CA LYS A 266 -23.38 -12.96 5.67
C LYS A 266 -22.73 -12.22 6.84
N ALA A 267 -21.44 -12.47 7.11
CA ALA A 267 -20.75 -11.80 8.20
C ALA A 267 -20.89 -10.29 8.06
N GLN A 268 -20.67 -9.72 6.86
CA GLN A 268 -20.81 -8.31 6.58
C GLN A 268 -22.22 -7.80 6.75
N SER A 269 -23.15 -8.65 6.37
CA SER A 269 -24.56 -8.30 6.50
C SER A 269 -24.91 -8.12 7.99
N ASP A 270 -24.43 -8.99 8.86
CA ASP A 270 -24.78 -8.88 10.27
C ASP A 270 -23.90 -7.92 11.03
N PHE A 271 -22.61 -7.86 10.71
CA PHE A 271 -21.67 -7.11 11.52
C PHE A 271 -20.88 -6.06 10.71
N GLY A 272 -21.44 -5.52 9.63
CA GLY A 272 -20.76 -4.48 8.84
C GLY A 272 -20.89 -3.11 9.47
N VAL A 273 -20.78 -2.04 8.70
CA VAL A 273 -20.63 -0.71 9.29
C VAL A 273 -21.80 -0.22 10.08
N ASP A 274 -22.97 -0.71 9.72
CA ASP A 274 -24.18 -0.28 10.38
C ASP A 274 -24.78 -1.25 11.41
N THR A 275 -23.97 -2.21 11.88
CA THR A 275 -24.39 -3.22 12.84
C THR A 275 -24.84 -2.58 14.14
N LYS A 276 -25.80 -3.22 14.80
CA LYS A 276 -26.22 -2.80 16.13
C LYS A 276 -25.56 -3.80 17.08
N SER A 277 -24.78 -4.77 16.59
CA SER A 277 -24.11 -5.72 17.47
C SER A 277 -22.86 -5.10 18.13
N ASP A 278 -22.24 -5.77 19.11
CA ASP A 278 -21.06 -5.18 19.74
C ASP A 278 -19.83 -5.55 18.93
N PHE A 279 -19.89 -6.68 18.23
CA PHE A 279 -18.77 -7.07 17.40
C PHE A 279 -18.83 -6.31 16.06
N HIS A 280 -17.75 -5.70 15.62
CA HIS A 280 -17.76 -4.99 14.35
C HIS A 280 -16.79 -5.73 13.49
N LEU A 281 -17.17 -6.09 12.28
CA LEU A 281 -16.22 -6.70 11.36
C LEU A 281 -15.13 -5.66 11.02
N PHE A 282 -15.50 -4.37 10.89
CA PHE A 282 -14.58 -3.33 10.47
C PHE A 282 -14.40 -2.33 11.60
N GLY A 283 -13.31 -2.40 12.33
CA GLY A 283 -13.03 -1.48 13.41
C GLY A 283 -14.01 -1.51 14.58
N PRO A 284 -14.73 -0.45 14.97
CA PRO A 284 -14.75 0.88 14.32
C PRO A 284 -13.44 1.67 14.37
N PRO A 285 -13.24 2.74 13.63
CA PRO A 285 -12.02 3.51 13.67
C PRO A 285 -11.80 4.20 15.02
N GLY A 286 -10.56 4.63 15.27
CA GLY A 286 -10.20 5.31 16.51
C GLY A 286 -9.44 4.44 17.52
N LYS A 287 -8.94 3.25 17.13
CA LYS A 287 -8.13 2.41 18.02
C LYS A 287 -6.79 3.13 17.94
N LYS A 288 -6.24 3.54 19.09
CA LYS A 288 -4.99 4.26 19.03
C LYS A 288 -3.80 3.31 19.01
N ASP A 289 -3.99 2.15 19.62
CA ASP A 289 -2.86 1.26 19.76
C ASP A 289 -2.64 0.48 18.51
N PRO A 290 -1.46 0.56 17.91
CA PRO A 290 -1.10 -0.24 16.75
C PRO A 290 -1.44 -1.71 16.87
N VAL A 291 -1.16 -2.43 17.97
CA VAL A 291 -1.44 -3.84 18.05
C VAL A 291 -2.96 -4.07 17.98
N LEU A 292 -3.77 -3.06 18.30
CA LEU A 292 -5.22 -3.20 18.26
C LEU A 292 -5.85 -2.71 16.97
N LYS A 293 -5.03 -2.20 16.04
CA LYS A 293 -5.52 -1.62 14.80
C LYS A 293 -5.64 -2.59 13.63
N ASP A 294 -6.76 -2.45 12.90
CA ASP A 294 -7.00 -3.15 11.64
C ASP A 294 -6.86 -4.64 11.74
N LEU A 295 -7.56 -5.16 12.75
CA LEU A 295 -7.58 -6.60 13.03
C LEU A 295 -8.56 -7.24 12.06
N LEU A 296 -8.02 -8.17 11.28
CA LEU A 296 -8.69 -8.93 10.23
C LEU A 296 -8.95 -8.11 8.97
N PHE A 297 -9.58 -6.95 9.09
CA PHE A 297 -9.86 -6.02 8.00
C PHE A 297 -9.47 -4.63 8.48
N LYS A 298 -9.32 -3.63 7.61
CA LYS A 298 -8.96 -2.29 8.03
C LYS A 298 -10.10 -1.73 8.83
N ASP A 299 -9.79 -0.94 9.81
CA ASP A 299 -10.85 -0.34 10.60
C ASP A 299 -11.66 0.67 9.79
N SER A 300 -11.05 1.24 8.76
CA SER A 300 -11.76 2.18 7.92
C SER A 300 -12.53 1.46 6.82
N ALA A 301 -12.49 0.15 6.63
CA ALA A 301 -13.28 -0.45 5.54
C ALA A 301 -14.76 -0.28 5.79
N ILE A 302 -15.56 0.00 4.77
CA ILE A 302 -16.98 0.08 4.99
C ILE A 302 -17.74 -1.08 4.38
N MET A 303 -17.07 -1.98 3.64
CA MET A 303 -17.65 -3.20 3.07
C MET A 303 -16.62 -3.91 2.25
N LEU A 304 -16.98 -5.08 1.74
CA LEU A 304 -16.09 -5.90 0.97
C LEU A 304 -16.82 -6.12 -0.33
N LYS A 305 -16.16 -6.15 -1.49
CA LYS A 305 -16.82 -6.44 -2.75
C LYS A 305 -16.04 -7.56 -3.40
N ARG A 306 -16.77 -8.42 -4.07
CA ARG A 306 -16.22 -9.59 -4.72
C ARG A 306 -15.42 -9.14 -5.96
N VAL A 307 -14.20 -9.64 -6.09
CA VAL A 307 -13.32 -9.38 -7.23
C VAL A 307 -13.77 -10.33 -8.35
N PRO A 308 -14.08 -9.87 -9.57
CA PRO A 308 -14.41 -10.73 -10.70
C PRO A 308 -13.50 -11.94 -10.79
N SER A 309 -14.05 -13.10 -11.15
CA SER A 309 -13.32 -14.35 -11.24
C SER A 309 -12.16 -14.30 -12.19
N LEU A 310 -12.21 -13.44 -13.21
CA LEU A 310 -11.07 -13.42 -14.09
C LEU A 310 -9.96 -12.49 -13.65
N MET A 311 -10.07 -11.70 -12.59
CA MET A 311 -8.93 -10.87 -12.26
C MET A 311 -7.94 -11.70 -11.48
N ASP A 312 -6.69 -11.70 -11.91
CA ASP A 312 -5.68 -12.31 -11.09
C ASP A 312 -4.94 -11.19 -10.35
N SER A 313 -3.80 -11.43 -9.73
CA SER A 313 -3.14 -10.40 -8.95
C SER A 313 -2.68 -9.25 -9.82
N GLN A 314 -2.07 -9.49 -10.97
CA GLN A 314 -1.68 -8.46 -11.92
C GLN A 314 -2.81 -7.54 -12.36
N LEU A 315 -3.97 -8.14 -12.69
CA LEU A 315 -5.11 -7.36 -13.12
C LEU A 315 -5.71 -6.61 -11.95
N TYR A 316 -5.75 -7.22 -10.75
CA TYR A 316 -6.26 -6.52 -9.60
C TYR A 316 -5.37 -5.34 -9.27
N LEU A 317 -4.05 -5.48 -9.26
CA LEU A 317 -3.23 -4.37 -8.80
C LEU A 317 -3.15 -3.30 -9.88
N GLY A 318 -3.24 -3.67 -11.17
CA GLY A 318 -3.09 -2.73 -12.25
C GLY A 318 -1.66 -2.76 -12.84
N PHE A 319 -1.52 -2.42 -14.16
CA PHE A 319 -0.24 -2.40 -14.84
C PHE A 319 0.82 -1.48 -14.27
N GLU A 320 0.54 -0.25 -13.93
CA GLU A 320 1.52 0.68 -13.41
C GLU A 320 2.09 0.19 -12.10
N TYR A 321 1.23 -0.21 -11.14
CA TYR A 321 1.71 -0.69 -9.87
C TYR A 321 2.49 -1.95 -10.11
N TYR A 322 1.94 -2.90 -10.84
CA TYR A 322 2.61 -4.16 -11.01
C TYR A 322 3.98 -4.09 -11.65
N SER A 323 4.10 -3.34 -12.75
CA SER A 323 5.38 -3.27 -13.45
C SER A 323 6.40 -2.47 -12.69
N ALA A 324 5.95 -1.59 -11.78
CA ALA A 324 6.89 -0.90 -10.92
C ALA A 324 7.45 -1.80 -9.82
N ILE A 325 6.62 -2.63 -9.15
CA ILE A 325 7.13 -3.50 -8.11
C ILE A 325 7.95 -4.60 -8.74
N GLN A 326 7.52 -5.14 -9.89
CA GLN A 326 8.30 -6.11 -10.62
C GLN A 326 9.69 -5.60 -10.92
N SER A 327 9.87 -4.31 -11.25
CA SER A 327 11.17 -3.71 -11.55
C SER A 327 12.02 -3.55 -10.31
N MET A 328 11.47 -3.64 -9.12
CA MET A 328 12.23 -3.39 -7.91
C MET A 328 12.85 -4.67 -7.38
N ARG A 329 12.83 -5.78 -8.13
CA ARG A 329 13.22 -7.06 -7.56
C ARG A 329 14.25 -7.80 -8.42
#